data_6K92
#
_entry.id   6K92
#
_cell.length_a   54.740
_cell.length_b   71.520
_cell.length_c   76.670
_cell.angle_alpha   90.00
_cell.angle_beta   99.27
_cell.angle_gamma   90.00
#
_symmetry.space_group_name_H-M   'P 1 21 1'
#
loop_
_entity.id
_entity.type
_entity.pdbx_description
1 polymer 'Pyridoxal kinase, putative'
2 non-polymer "ADENOSINE-5'-DIPHOSPHATE"
3 non-polymer 5-(hydroxymethyl)-4-(methoxymethyl)-2-methylpyridin-3-ol
4 non-polymer 'CALCIUM ION'
5 non-polymer 'CHLORIDE ION'
6 non-polymer 'PHOSPHATE ION'
7 water water
#
_entity_poly.entity_id   1
_entity_poly.type   'polypeptide(L)'
_entity_poly.pdbx_seq_one_letter_code
;MGSSHHHHHHSSGLVPRGSHMTDDKHVLSIQSHVTHGYVGNKAATFPLQLHGFDVDAINTVSLSNHSGYPVIKGHRMDLE
EFTTIMEGLRANDFLSDYAYVLTGYINNRDIVRQVAATVAEIREARQKQGKKDAVFFCDPVMGDDGRLYCKEEVVEAYRE
LLTHADVATPNYFEASILSTVEVKDLASAIEAANWFHTQGTPTVVIKSFAMADDPTHLRFLLSCRDKATGSTKRYTGVVP
YHEGRYTGTGDVFAASLVAFAHSDPMDLAVGKAMGVLQDLIKATIERGGSGKATLSSRELRVTSYPDRLQHPSSVALVTP
LP
;
_entity_poly.pdbx_strand_id   A,B
#
loop_
_chem_comp.id
_chem_comp.type
_chem_comp.name
_chem_comp.formula
ADP non-polymer ADENOSINE-5'-DIPHOSPHATE 'C10 H15 N5 O10 P2'
CA non-polymer 'CALCIUM ION' 'Ca 2'
CL non-polymer 'CHLORIDE ION' 'Cl -1'
GT0 non-polymer 5-(hydroxymethyl)-4-(methoxymethyl)-2-methylpyridin-3-ol 'C9 H13 N O3'
PO4 non-polymer 'PHOSPHATE ION' 'O4 P -3'
#
# COMPACT_ATOMS: atom_id res chain seq x y z
N ASP A 24 -1.33 -17.52 -7.85
CA ASP A 24 -2.27 -18.22 -6.88
C ASP A 24 -2.72 -17.30 -5.74
N LYS A 25 -1.78 -16.57 -5.13
CA LYS A 25 -1.98 -15.74 -3.90
C LYS A 25 -2.18 -14.29 -4.32
N HIS A 26 -3.32 -14.00 -4.96
CA HIS A 26 -3.64 -12.71 -5.60
C HIS A 26 -5.02 -12.26 -5.09
N VAL A 27 -5.09 -11.09 -4.45
CA VAL A 27 -6.32 -10.56 -3.79
C VAL A 27 -6.66 -9.24 -4.47
N LEU A 28 -7.91 -9.04 -4.87
CA LEU A 28 -8.47 -7.71 -5.19
C LEU A 28 -9.06 -7.18 -3.88
N SER A 29 -8.51 -6.07 -3.39
CA SER A 29 -8.88 -5.51 -2.07
C SER A 29 -9.54 -4.16 -2.28
N ILE A 30 -10.86 -4.12 -2.07
CA ILE A 30 -11.69 -2.91 -2.30
C ILE A 30 -11.98 -2.29 -0.92
N GLN A 31 -11.18 -1.32 -0.54
CA GLN A 31 -11.26 -0.66 0.80
C GLN A 31 -10.72 0.77 0.68
N SER A 32 -10.63 1.46 1.80
CA SER A 32 -10.17 2.86 1.90
C SER A 32 -8.65 2.93 1.80
N HIS A 33 -8.16 4.09 1.41
CA HIS A 33 -6.77 4.54 1.62
C HIS A 33 -6.78 5.72 2.57
N VAL A 34 -5.87 5.74 3.55
CA VAL A 34 -5.66 6.96 4.38
C VAL A 34 -4.18 7.30 4.29
N THR A 35 -3.85 8.58 4.18
CA THR A 35 -2.44 9.01 4.20
C THR A 35 -1.82 8.69 5.56
N HIS A 36 -2.41 9.19 6.65
CA HIS A 36 -1.96 8.97 8.04
C HIS A 36 -2.70 7.77 8.65
N GLY A 37 -1.94 6.84 9.24
CA GLY A 37 -2.45 5.77 10.10
C GLY A 37 -2.84 4.50 9.37
N TYR A 38 -3.55 3.63 10.08
CA TYR A 38 -3.68 2.21 9.69
C TYR A 38 -5.13 1.76 9.77
N VAL A 39 -5.91 2.07 8.73
CA VAL A 39 -7.25 1.45 8.53
C VAL A 39 -7.34 1.09 7.06
N GLY A 40 -8.32 0.29 6.73
CA GLY A 40 -8.64 -0.05 5.34
C GLY A 40 -7.44 -0.70 4.66
N ASN A 41 -7.17 -0.34 3.39
CA ASN A 41 -6.06 -0.97 2.64
C ASN A 41 -4.72 -0.67 3.33
N LYS A 42 -4.61 0.38 4.16
CA LYS A 42 -3.39 0.62 5.00
C LYS A 42 -3.23 -0.41 6.16
N ALA A 43 -4.31 -1.02 6.61
CA ALA A 43 -4.21 -2.07 7.65
C ALA A 43 -3.99 -3.40 6.93
N ALA A 44 -4.55 -3.57 5.72
CA ALA A 44 -4.74 -4.90 5.10
C ALA A 44 -3.52 -5.32 4.26
N THR A 45 -2.86 -4.35 3.64
CA THR A 45 -1.97 -4.62 2.52
C THR A 45 -0.66 -5.22 3.04
N PHE A 46 -0.02 -4.58 4.02
CA PHE A 46 1.32 -5.00 4.50
C PHE A 46 1.22 -6.44 5.03
N PRO A 47 0.27 -6.82 5.90
CA PRO A 47 0.16 -8.23 6.30
C PRO A 47 0.03 -9.20 5.13
N LEU A 48 -0.86 -8.91 4.17
CA LEU A 48 -1.08 -9.82 3.04
C LEU A 48 0.21 -9.93 2.22
N GLN A 49 0.93 -8.81 2.05
CA GLN A 49 2.20 -8.82 1.29
C GLN A 49 3.21 -9.70 2.03
N LEU A 50 3.30 -9.55 3.35
CA LEU A 50 4.27 -10.34 4.19
C LEU A 50 4.00 -11.83 4.00
N HIS A 51 2.74 -12.22 3.83
CA HIS A 51 2.31 -13.63 3.62
C HIS A 51 2.55 -14.09 2.19
N GLY A 52 3.07 -13.24 1.30
CA GLY A 52 3.38 -13.58 -0.10
C GLY A 52 2.24 -13.26 -1.08
N PHE A 53 1.20 -12.54 -0.66
CA PHE A 53 0.06 -12.20 -1.57
C PHE A 53 0.39 -10.92 -2.34
N ASP A 54 0.09 -10.92 -3.62
CA ASP A 54 -0.07 -9.67 -4.40
C ASP A 54 -1.44 -9.08 -4.04
N VAL A 55 -1.42 -7.89 -3.50
CA VAL A 55 -2.64 -7.11 -3.14
C VAL A 55 -2.85 -6.08 -4.26
N ASP A 56 -3.93 -6.23 -5.00
CA ASP A 56 -4.43 -5.28 -6.01
C ASP A 56 -5.52 -4.46 -5.33
N ALA A 57 -5.20 -3.23 -4.92
CA ALA A 57 -6.09 -2.34 -4.16
C ALA A 57 -6.89 -1.42 -5.08
N ILE A 58 -8.20 -1.41 -4.90
CA ILE A 58 -9.09 -0.31 -5.37
C ILE A 58 -9.42 0.48 -4.12
N ASN A 59 -9.00 1.73 -4.12
CA ASN A 59 -9.14 2.67 -2.97
C ASN A 59 -10.47 3.44 -3.14
N THR A 60 -11.47 3.05 -2.37
CA THR A 60 -12.87 3.56 -2.48
C THR A 60 -12.94 5.02 -2.03
N VAL A 61 -12.06 5.38 -1.11
CA VAL A 61 -11.76 6.78 -0.71
C VAL A 61 -10.25 6.93 -0.54
N SER A 62 -9.77 8.16 -0.68
CA SER A 62 -8.36 8.54 -0.44
C SER A 62 -8.39 9.73 0.49
N LEU A 63 -8.31 9.47 1.80
CA LEU A 63 -8.53 10.48 2.85
C LEU A 63 -7.26 10.73 3.65
N SER A 64 -7.27 11.84 4.37
CA SER A 64 -6.14 12.23 5.23
C SER A 64 -5.92 11.20 6.34
N ASN A 65 -6.99 10.62 6.88
CA ASN A 65 -6.92 9.80 8.13
C ASN A 65 -8.28 9.18 8.40
N HIS A 66 -8.39 8.34 9.41
CA HIS A 66 -9.65 7.65 9.73
C HIS A 66 -10.63 8.63 10.36
N SER A 67 -11.86 8.17 10.55
CA SER A 67 -13.06 8.98 10.90
C SER A 67 -13.05 9.42 12.36
N GLY A 68 -12.11 8.99 13.20
CA GLY A 68 -12.03 9.38 14.62
C GLY A 68 -11.29 10.68 14.86
N TYR A 69 -10.53 11.19 13.88
CA TYR A 69 -9.80 12.47 14.03
C TYR A 69 -10.74 13.67 13.94
N PRO A 70 -10.34 14.85 14.46
CA PRO A 70 -11.18 16.05 14.37
C PRO A 70 -11.50 16.47 12.94
N VAL A 71 -10.54 16.23 12.02
CA VAL A 71 -10.67 16.68 10.61
C VAL A 71 -10.39 15.50 9.68
N ILE A 72 -11.32 15.23 8.79
CA ILE A 72 -11.14 14.27 7.67
C ILE A 72 -11.24 15.07 6.37
N LYS A 73 -10.25 14.92 5.50
CA LYS A 73 -10.34 15.53 4.16
C LYS A 73 -9.97 14.50 3.12
N GLY A 74 -10.50 14.65 1.92
CA GLY A 74 -9.95 13.86 0.81
C GLY A 74 -11.01 13.49 -0.22
N HIS A 75 -10.64 12.59 -1.11
CA HIS A 75 -11.44 12.23 -2.28
C HIS A 75 -12.23 10.95 -1.97
N ARG A 76 -13.49 10.89 -2.40
N ARG A 76 -13.47 10.87 -2.45
CA ARG A 76 -14.32 9.67 -2.40
CA ARG A 76 -14.33 9.66 -2.37
C ARG A 76 -14.67 9.29 -3.83
C ARG A 76 -14.78 9.27 -3.78
N MET A 77 -14.56 8.00 -4.16
CA MET A 77 -14.93 7.47 -5.50
C MET A 77 -16.43 7.68 -5.71
N ASP A 78 -16.85 7.82 -6.96
CA ASP A 78 -18.27 7.62 -7.31
C ASP A 78 -18.32 6.32 -8.10
N LEU A 79 -19.51 5.87 -8.44
CA LEU A 79 -19.67 4.65 -9.26
C LEU A 79 -18.84 4.72 -10.55
N GLU A 80 -18.87 5.83 -11.31
CA GLU A 80 -18.14 5.95 -12.61
C GLU A 80 -16.63 5.74 -12.36
N GLU A 81 -16.09 6.27 -11.25
CA GLU A 81 -14.64 6.06 -10.97
C GLU A 81 -14.34 4.57 -10.78
N PHE A 82 -15.24 3.84 -10.10
CA PHE A 82 -15.06 2.40 -9.84
C PHE A 82 -15.11 1.61 -11.16
N THR A 83 -16.13 1.88 -11.96
CA THR A 83 -16.37 1.11 -13.22
C THR A 83 -15.27 1.47 -14.23
N THR A 84 -14.70 2.68 -14.15
CA THR A 84 -13.53 3.08 -14.98
C THR A 84 -12.30 2.23 -14.63
N ILE A 85 -12.01 2.08 -13.33
CA ILE A 85 -10.89 1.19 -12.94
C ILE A 85 -11.18 -0.22 -13.46
N MET A 86 -12.39 -0.71 -13.26
CA MET A 86 -12.77 -2.08 -13.69
C MET A 86 -12.47 -2.19 -15.20
N GLU A 87 -12.73 -1.12 -15.95
CA GLU A 87 -12.56 -1.11 -17.43
C GLU A 87 -11.09 -1.42 -17.74
N GLY A 88 -10.15 -0.76 -17.05
CA GLY A 88 -8.72 -1.05 -17.25
C GLY A 88 -8.34 -2.46 -16.84
N LEU A 89 -8.89 -2.96 -15.72
CA LEU A 89 -8.56 -4.34 -15.28
C LEU A 89 -9.08 -5.35 -16.30
N ARG A 90 -10.31 -5.15 -16.78
CA ARG A 90 -10.96 -6.00 -17.81
C ARG A 90 -10.10 -5.95 -19.09
N ALA A 91 -9.78 -4.74 -19.58
CA ALA A 91 -9.14 -4.54 -20.90
C ALA A 91 -7.77 -5.21 -20.95
N ASN A 92 -7.00 -5.22 -19.85
CA ASN A 92 -5.66 -5.84 -19.78
C ASN A 92 -5.75 -7.31 -19.32
N ASP A 93 -6.96 -7.86 -19.16
CA ASP A 93 -7.18 -9.30 -18.87
C ASP A 93 -6.60 -9.67 -17.50
N PHE A 94 -6.83 -8.84 -16.47
CA PHE A 94 -6.32 -9.09 -15.10
C PHE A 94 -7.36 -9.85 -14.25
N LEU A 95 -8.63 -9.94 -14.65
CA LEU A 95 -9.69 -10.32 -13.68
C LEU A 95 -9.56 -11.79 -13.27
N SER A 96 -9.02 -12.68 -14.11
CA SER A 96 -8.87 -14.11 -13.73
C SER A 96 -7.71 -14.29 -12.73
N ASP A 97 -6.94 -13.23 -12.46
CA ASP A 97 -5.83 -13.26 -11.47
C ASP A 97 -6.39 -13.39 -10.04
N TYR A 98 -7.63 -12.95 -9.78
CA TYR A 98 -8.14 -12.67 -8.41
C TYR A 98 -8.75 -13.94 -7.80
N ALA A 99 -7.92 -14.72 -7.14
CA ALA A 99 -8.32 -15.94 -6.39
C ALA A 99 -9.16 -15.54 -5.17
N TYR A 100 -8.95 -14.31 -4.70
CA TYR A 100 -9.64 -13.71 -3.54
C TYR A 100 -10.08 -12.30 -3.88
N VAL A 101 -11.28 -11.95 -3.43
CA VAL A 101 -11.80 -10.57 -3.46
C VAL A 101 -12.11 -10.25 -2.01
N LEU A 102 -11.56 -9.16 -1.51
CA LEU A 102 -11.71 -8.73 -0.12
C LEU A 102 -12.29 -7.33 -0.15
N THR A 103 -13.46 -7.14 0.44
CA THR A 103 -14.07 -5.80 0.46
C THR A 103 -14.13 -5.32 1.90
N GLY A 104 -13.86 -4.03 2.10
CA GLY A 104 -13.97 -3.38 3.42
C GLY A 104 -14.69 -2.06 3.31
N TYR A 105 -14.12 -0.98 3.84
CA TYR A 105 -14.74 0.35 3.76
C TYR A 105 -15.03 0.76 2.32
N ILE A 106 -16.32 1.02 2.04
CA ILE A 106 -16.81 1.56 0.74
C ILE A 106 -17.70 2.79 1.04
N ASN A 107 -18.68 2.61 1.91
CA ASN A 107 -19.58 3.70 2.38
C ASN A 107 -20.21 4.40 1.18
N ASN A 108 -20.65 3.64 0.19
CA ASN A 108 -21.29 4.20 -1.03
C ASN A 108 -22.23 3.12 -1.58
N ARG A 109 -23.56 3.34 -1.53
CA ARG A 109 -24.59 2.33 -1.91
C ARG A 109 -24.35 1.80 -3.33
N ASP A 110 -24.00 2.66 -4.29
CA ASP A 110 -23.83 2.27 -5.70
C ASP A 110 -22.64 1.34 -5.87
N ILE A 111 -21.51 1.62 -5.21
CA ILE A 111 -20.29 0.77 -5.30
C ILE A 111 -20.55 -0.54 -4.57
N VAL A 112 -21.19 -0.50 -3.40
CA VAL A 112 -21.57 -1.74 -2.67
C VAL A 112 -22.34 -2.64 -3.63
N ARG A 113 -23.33 -2.09 -4.33
CA ARG A 113 -24.17 -2.89 -5.24
C ARG A 113 -23.26 -3.40 -6.39
N GLN A 114 -22.38 -2.55 -6.96
CA GLN A 114 -21.49 -2.91 -8.10
C GLN A 114 -20.54 -4.07 -7.76
N VAL A 115 -20.15 -4.23 -6.49
CA VAL A 115 -19.19 -5.30 -6.10
C VAL A 115 -19.78 -6.65 -6.57
N ALA A 116 -21.11 -6.80 -6.50
CA ALA A 116 -21.77 -8.07 -6.87
C ALA A 116 -21.40 -8.39 -8.34
N ALA A 117 -21.53 -7.43 -9.24
CA ALA A 117 -21.21 -7.60 -10.68
C ALA A 117 -19.70 -7.83 -10.87
N THR A 118 -18.85 -7.10 -10.13
CA THR A 118 -17.38 -7.27 -10.17
C THR A 118 -17.04 -8.71 -9.77
N VAL A 119 -17.60 -9.22 -8.68
CA VAL A 119 -17.29 -10.62 -8.26
C VAL A 119 -17.78 -11.60 -9.33
N ALA A 120 -19.00 -11.41 -9.82
CA ALA A 120 -19.59 -12.30 -10.85
C ALA A 120 -18.70 -12.35 -12.11
N GLU A 121 -18.13 -11.21 -12.50
CA GLU A 121 -17.24 -11.11 -13.68
C GLU A 121 -15.90 -11.82 -13.38
N ILE A 122 -15.36 -11.69 -12.16
CA ILE A 122 -14.14 -12.44 -11.77
C ILE A 122 -14.43 -13.96 -11.77
N ARG A 123 -15.53 -14.40 -11.15
CA ARG A 123 -15.96 -15.81 -11.12
C ARG A 123 -15.97 -16.37 -12.54
N GLU A 124 -16.59 -15.65 -13.48
CA GLU A 124 -16.70 -16.02 -14.92
C GLU A 124 -15.29 -16.16 -15.52
N ALA A 125 -14.46 -15.13 -15.41
CA ALA A 125 -13.09 -15.11 -15.98
C ALA A 125 -12.29 -16.32 -15.46
N ARG A 126 -12.38 -16.62 -14.18
CA ARG A 126 -11.64 -17.78 -13.59
C ARG A 126 -12.21 -19.13 -14.05
N GLN A 127 -13.53 -19.26 -14.15
CA GLN A 127 -14.23 -20.49 -14.62
C GLN A 127 -13.82 -20.73 -16.09
N LYS A 128 -13.90 -19.70 -16.92
CA LYS A 128 -13.48 -19.80 -18.34
C LYS A 128 -12.02 -20.32 -18.38
N GLN A 129 -11.17 -19.88 -17.47
CA GLN A 129 -9.74 -20.24 -17.45
C GLN A 129 -9.49 -21.52 -16.63
N GLY A 130 -10.54 -22.20 -16.17
CA GLY A 130 -10.37 -23.44 -15.38
C GLY A 130 -9.56 -23.24 -14.11
N LYS A 131 -9.68 -22.08 -13.47
CA LYS A 131 -9.05 -21.83 -12.16
C LYS A 131 -10.02 -22.13 -11.02
N LYS A 132 -9.49 -22.32 -9.81
CA LYS A 132 -10.27 -22.54 -8.55
C LYS A 132 -11.25 -21.39 -8.45
N ASP A 133 -12.48 -21.66 -8.04
CA ASP A 133 -13.48 -20.63 -7.71
C ASP A 133 -12.78 -19.54 -6.89
N ALA A 134 -13.04 -18.29 -7.20
CA ALA A 134 -12.65 -17.15 -6.35
C ALA A 134 -13.36 -17.28 -4.98
N VAL A 135 -12.73 -16.80 -3.91
CA VAL A 135 -13.37 -16.66 -2.57
C VAL A 135 -13.55 -15.17 -2.26
N PHE A 136 -14.81 -14.76 -2.12
CA PHE A 136 -15.24 -13.38 -1.82
C PHE A 136 -15.46 -13.24 -0.30
N PHE A 137 -14.50 -12.56 0.33
CA PHE A 137 -14.54 -12.15 1.75
C PHE A 137 -15.16 -10.76 1.82
N CYS A 138 -16.36 -10.67 2.38
CA CYS A 138 -17.10 -9.40 2.57
C CYS A 138 -17.04 -8.94 4.03
N ASP A 139 -16.30 -7.88 4.28
CA ASP A 139 -16.32 -7.17 5.57
C ASP A 139 -17.31 -6.00 5.45
N PRO A 140 -18.52 -6.13 6.03
CA PRO A 140 -19.58 -5.14 5.81
C PRO A 140 -19.39 -3.90 6.67
N VAL A 141 -18.39 -3.07 6.31
CA VAL A 141 -17.87 -1.94 7.12
C VAL A 141 -18.93 -0.83 7.15
N MET A 142 -19.58 -0.63 8.31
CA MET A 142 -20.70 0.34 8.50
C MET A 142 -20.57 1.11 9.81
N GLY A 143 -20.01 0.55 10.88
CA GLY A 143 -19.84 1.30 12.12
C GLY A 143 -19.20 0.49 13.21
N ASP A 144 -19.04 1.12 14.37
CA ASP A 144 -18.40 0.48 15.55
C ASP A 144 -18.71 1.33 16.78
N ASP A 145 -18.57 0.75 17.97
CA ASP A 145 -18.78 1.51 19.23
C ASP A 145 -20.20 2.11 19.20
N GLY A 146 -21.16 1.36 18.65
CA GLY A 146 -22.60 1.67 18.68
C GLY A 146 -23.01 2.77 17.72
N ARG A 147 -22.11 3.22 16.83
CA ARG A 147 -22.31 4.40 15.94
C ARG A 147 -22.10 3.98 14.49
N LEU A 148 -23.04 4.37 13.65
CA LEU A 148 -23.13 4.06 12.21
C LEU A 148 -22.35 5.12 11.44
N TYR A 149 -21.01 5.01 11.41
CA TYR A 149 -20.09 6.05 10.87
C TYR A 149 -20.14 6.05 9.34
N CYS A 150 -20.89 5.13 8.76
CA CYS A 150 -21.17 5.06 7.31
C CYS A 150 -22.64 5.45 7.08
N LYS A 151 -23.01 5.75 5.83
CA LYS A 151 -24.29 6.35 5.36
C LYS A 151 -25.46 5.41 5.66
N GLU A 152 -26.66 5.73 5.15
CA GLU A 152 -27.95 5.14 5.60
C GLU A 152 -28.24 3.86 4.81
N GLU A 153 -28.75 3.94 3.55
CA GLU A 153 -29.14 2.81 2.65
C GLU A 153 -27.92 1.97 2.22
N VAL A 154 -26.74 2.23 2.78
CA VAL A 154 -25.60 1.28 2.69
C VAL A 154 -25.99 -0.06 3.37
N VAL A 155 -26.82 -0.02 4.42
CA VAL A 155 -27.18 -1.26 5.18
C VAL A 155 -27.94 -2.20 4.24
N GLU A 156 -28.96 -1.71 3.55
CA GLU A 156 -29.76 -2.57 2.67
C GLU A 156 -28.87 -3.11 1.55
N ALA A 157 -27.94 -2.31 1.03
CA ALA A 157 -27.03 -2.70 -0.07
C ALA A 157 -26.14 -3.86 0.37
N TYR A 158 -25.66 -3.83 1.62
CA TYR A 158 -24.86 -4.96 2.16
C TYR A 158 -25.74 -6.20 2.31
N ARG A 159 -27.01 -6.08 2.67
CA ARG A 159 -27.88 -7.29 2.79
C ARG A 159 -27.96 -7.98 1.42
N GLU A 160 -28.09 -7.20 0.33
CA GLU A 160 -28.10 -7.72 -1.06
C GLU A 160 -26.73 -8.28 -1.43
N LEU A 161 -25.66 -7.57 -1.13
CA LEU A 161 -24.31 -8.04 -1.52
C LEU A 161 -24.04 -9.38 -0.83
N LEU A 162 -24.40 -9.51 0.46
CA LEU A 162 -24.14 -10.74 1.27
C LEU A 162 -24.80 -11.99 0.66
N THR A 163 -25.78 -11.86 -0.25
CA THR A 163 -26.34 -13.00 -1.00
C THR A 163 -25.24 -13.64 -1.87
N HIS A 164 -24.16 -12.93 -2.18
CA HIS A 164 -23.10 -13.41 -3.10
C HIS A 164 -21.77 -13.65 -2.39
N ALA A 165 -21.67 -13.45 -1.06
CA ALA A 165 -20.38 -13.57 -0.34
C ALA A 165 -20.07 -15.04 -0.02
N ASP A 166 -18.80 -15.39 0.01
CA ASP A 166 -18.32 -16.73 0.44
C ASP A 166 -18.05 -16.67 1.95
N VAL A 167 -17.43 -15.59 2.40
CA VAL A 167 -17.06 -15.40 3.84
C VAL A 167 -17.53 -13.98 4.22
N ALA A 168 -18.16 -13.79 5.37
CA ALA A 168 -18.45 -12.44 5.86
C ALA A 168 -17.82 -12.27 7.23
N THR A 169 -17.28 -11.10 7.54
CA THR A 169 -16.58 -10.88 8.81
C THR A 169 -17.12 -9.64 9.50
N PRO A 170 -18.43 -9.56 9.79
CA PRO A 170 -18.97 -8.40 10.50
C PRO A 170 -18.44 -8.26 11.94
N ASN A 171 -18.35 -7.03 12.48
CA ASN A 171 -18.21 -6.83 13.95
C ASN A 171 -19.61 -7.02 14.55
N TYR A 172 -19.76 -6.93 15.87
CA TYR A 172 -21.05 -7.33 16.48
C TYR A 172 -22.09 -6.27 16.11
N PHE A 173 -21.67 -5.02 15.97
CA PHE A 173 -22.60 -3.93 15.59
C PHE A 173 -23.21 -4.23 14.21
N GLU A 174 -22.36 -4.58 13.23
CA GLU A 174 -22.78 -4.84 11.83
C GLU A 174 -23.66 -6.09 11.77
N ALA A 175 -23.30 -7.15 12.50
CA ALA A 175 -24.07 -8.41 12.54
C ALA A 175 -25.49 -8.10 13.03
N SER A 176 -25.57 -7.24 14.03
CA SER A 176 -26.83 -6.85 14.74
C SER A 176 -27.73 -6.05 13.78
N ILE A 177 -27.19 -4.98 13.18
CA ILE A 177 -27.98 -4.10 12.27
C ILE A 177 -28.42 -4.88 11.03
N LEU A 178 -27.56 -5.75 10.46
CA LEU A 178 -27.91 -6.51 9.23
C LEU A 178 -29.01 -7.55 9.50
N SER A 179 -28.91 -8.33 10.59
CA SER A 179 -29.83 -9.45 10.91
C SER A 179 -31.08 -9.02 11.70
N THR A 180 -31.04 -7.84 12.29
CA THR A 180 -31.93 -7.23 13.33
C THR A 180 -31.91 -8.02 14.65
N VAL A 181 -30.90 -8.87 14.88
CA VAL A 181 -30.68 -9.57 16.18
C VAL A 181 -29.62 -8.83 16.99
N GLU A 182 -29.93 -8.32 18.19
CA GLU A 182 -28.91 -7.77 19.12
C GLU A 182 -27.99 -8.93 19.50
N VAL A 183 -26.74 -8.87 19.05
CA VAL A 183 -25.72 -9.90 19.37
C VAL A 183 -25.11 -9.53 20.70
N LYS A 184 -25.49 -10.24 21.77
CA LYS A 184 -25.12 -9.93 23.17
C LYS A 184 -24.52 -11.19 23.84
N ASP A 185 -24.55 -12.34 23.17
CA ASP A 185 -24.10 -13.65 23.70
C ASP A 185 -24.05 -14.69 22.59
N LEU A 186 -23.65 -15.92 22.94
CA LEU A 186 -23.44 -16.99 21.93
C LEU A 186 -24.77 -17.33 21.25
N ALA A 187 -25.89 -17.47 21.99
CA ALA A 187 -27.21 -17.78 21.41
C ALA A 187 -27.58 -16.76 20.33
N SER A 188 -27.46 -15.48 20.65
CA SER A 188 -27.85 -14.36 19.75
C SER A 188 -26.83 -14.24 18.59
N ALA A 189 -25.55 -14.47 18.84
CA ALA A 189 -24.54 -14.52 17.74
C ALA A 189 -24.95 -15.60 16.72
N ILE A 190 -25.40 -16.76 17.21
CA ILE A 190 -25.83 -17.89 16.33
C ILE A 190 -27.07 -17.45 15.54
N GLU A 191 -28.04 -16.78 16.16
CA GLU A 191 -29.25 -16.27 15.43
C GLU A 191 -28.81 -15.30 14.31
N ALA A 192 -27.92 -14.36 14.61
CA ALA A 192 -27.39 -13.37 13.64
C ALA A 192 -26.64 -14.11 12.51
N ALA A 193 -25.71 -15.03 12.82
CA ALA A 193 -25.01 -15.86 11.81
C ALA A 193 -26.01 -16.61 10.93
N ASN A 194 -27.05 -17.18 11.54
CA ASN A 194 -28.04 -18.02 10.80
C ASN A 194 -28.71 -17.15 9.72
N TRP A 195 -28.98 -15.89 10.06
CA TRP A 195 -29.52 -14.87 9.12
C TRP A 195 -28.60 -14.77 7.90
N PHE A 196 -27.28 -14.61 8.12
CA PHE A 196 -26.28 -14.50 7.03
C PHE A 196 -26.34 -15.77 6.18
N HIS A 197 -26.42 -16.94 6.80
CA HIS A 197 -26.53 -18.21 6.04
C HIS A 197 -27.80 -18.20 5.16
N THR A 198 -28.94 -17.78 5.70
CA THR A 198 -30.25 -17.70 4.98
C THR A 198 -30.12 -16.70 3.81
N GLN A 199 -29.45 -15.56 4.04
CA GLN A 199 -29.22 -14.52 3.00
C GLN A 199 -28.37 -15.12 1.87
N GLY A 200 -27.48 -16.08 2.15
CA GLY A 200 -26.67 -16.80 1.15
C GLY A 200 -25.16 -16.81 1.42
N THR A 201 -24.66 -16.33 2.55
CA THR A 201 -23.23 -16.44 2.91
C THR A 201 -22.96 -17.74 3.65
N PRO A 202 -22.20 -18.70 3.09
CA PRO A 202 -21.97 -19.98 3.75
C PRO A 202 -21.10 -19.89 5.01
N THR A 203 -20.17 -18.92 5.09
CA THR A 203 -19.16 -18.89 6.18
C THR A 203 -19.18 -17.50 6.84
N VAL A 204 -19.38 -17.46 8.16
CA VAL A 204 -19.54 -16.20 8.90
C VAL A 204 -18.61 -16.22 10.11
N VAL A 205 -17.85 -15.15 10.25
CA VAL A 205 -17.10 -14.85 11.50
C VAL A 205 -17.68 -13.59 12.14
N ILE A 206 -18.34 -13.73 13.28
CA ILE A 206 -18.67 -12.57 14.15
C ILE A 206 -17.45 -12.38 15.05
N LYS A 207 -16.69 -11.29 14.87
CA LYS A 207 -15.24 -11.24 15.23
C LYS A 207 -15.08 -11.13 16.73
N SER A 208 -16.02 -10.46 17.40
CA SER A 208 -15.98 -10.31 18.86
C SER A 208 -17.33 -9.81 19.33
N PHE A 209 -17.75 -10.21 20.50
CA PHE A 209 -18.86 -9.58 21.25
C PHE A 209 -18.52 -9.73 22.74
N ALA A 210 -18.95 -8.73 23.49
CA ALA A 210 -18.90 -8.68 24.95
C ALA A 210 -19.97 -9.63 25.49
N MET A 211 -19.72 -10.14 26.68
CA MET A 211 -20.61 -11.02 27.45
C MET A 211 -20.81 -10.46 28.86
N ALA A 212 -22.04 -10.07 29.16
CA ALA A 212 -22.45 -9.59 30.50
C ALA A 212 -21.95 -10.59 31.56
N ASP A 213 -22.11 -11.87 31.27
CA ASP A 213 -21.80 -12.98 32.22
C ASP A 213 -20.30 -13.31 32.22
N ASP A 214 -19.45 -12.66 31.40
CA ASP A 214 -17.98 -12.91 31.31
C ASP A 214 -17.30 -11.62 30.86
N PRO A 215 -17.26 -10.64 31.78
CA PRO A 215 -16.75 -9.31 31.47
C PRO A 215 -15.27 -9.17 31.05
N THR A 216 -14.38 -10.12 31.34
CA THR A 216 -12.92 -10.00 31.05
C THR A 216 -12.55 -10.65 29.70
N HIS A 217 -13.53 -11.13 28.94
CA HIS A 217 -13.28 -11.86 27.68
C HIS A 217 -14.17 -11.27 26.60
N LEU A 218 -13.70 -11.34 25.36
CA LEU A 218 -14.50 -11.21 24.12
C LEU A 218 -14.66 -12.61 23.51
N ARG A 219 -15.86 -12.91 23.07
CA ARG A 219 -16.21 -14.16 22.37
C ARG A 219 -16.35 -13.92 20.87
N PHE A 220 -15.94 -14.90 20.10
CA PHE A 220 -16.12 -14.90 18.63
C PHE A 220 -16.94 -16.13 18.27
N LEU A 221 -17.56 -16.09 17.09
CA LEU A 221 -18.25 -17.27 16.52
C LEU A 221 -17.79 -17.47 15.07
N LEU A 222 -17.50 -18.72 14.72
CA LEU A 222 -17.33 -19.14 13.31
C LEU A 222 -18.50 -20.08 13.00
N SER A 223 -19.25 -19.77 11.95
CA SER A 223 -20.46 -20.52 11.56
C SER A 223 -20.31 -20.88 10.07
N CYS A 224 -20.43 -22.17 9.77
CA CYS A 224 -20.12 -22.77 8.46
C CYS A 224 -21.36 -23.58 8.04
N ARG A 225 -22.18 -23.00 7.18
CA ARG A 225 -23.34 -23.69 6.53
C ARG A 225 -22.83 -24.49 5.33
N ASP A 226 -23.24 -25.74 5.24
CA ASP A 226 -22.89 -26.67 4.15
C ASP A 226 -23.98 -26.58 3.06
N LYS A 227 -23.60 -26.17 1.86
N THR A 229 -25.98 -30.28 2.41
CA THR A 229 -26.75 -31.01 3.46
C THR A 229 -27.65 -30.05 4.26
N GLY A 230 -27.37 -28.74 4.27
CA GLY A 230 -28.11 -27.76 5.10
C GLY A 230 -27.65 -27.72 6.56
N SER A 231 -26.61 -28.51 6.88
CA SER A 231 -26.04 -28.62 8.24
C SER A 231 -25.11 -27.42 8.46
N THR A 232 -24.90 -27.06 9.72
CA THR A 232 -24.13 -25.87 10.14
C THR A 232 -23.10 -26.34 11.15
N LYS A 233 -21.80 -26.18 10.88
CA LYS A 233 -20.75 -26.45 11.90
C LYS A 233 -20.46 -25.10 12.57
N ARG A 234 -20.44 -25.08 13.89
CA ARG A 234 -20.16 -23.84 14.64
C ARG A 234 -18.98 -24.04 15.57
N TYR A 235 -18.20 -22.98 15.75
CA TYR A 235 -16.97 -23.00 16.58
C TYR A 235 -16.97 -21.69 17.36
N THR A 236 -16.43 -21.74 18.57
CA THR A 236 -16.29 -20.52 19.38
C THR A 236 -15.00 -20.59 20.19
N GLY A 237 -14.72 -19.47 20.82
CA GLY A 237 -13.58 -19.26 21.69
C GLY A 237 -13.60 -17.84 22.16
N VAL A 238 -12.56 -17.47 22.88
CA VAL A 238 -12.48 -16.15 23.53
C VAL A 238 -11.10 -15.57 23.29
N VAL A 239 -11.02 -14.28 23.48
CA VAL A 239 -9.73 -13.58 23.69
C VAL A 239 -9.93 -12.73 24.95
N PRO A 240 -8.82 -12.29 25.57
CA PRO A 240 -8.93 -11.28 26.63
C PRO A 240 -9.60 -10.01 26.08
N TYR A 241 -10.49 -9.41 26.85
CA TYR A 241 -11.06 -8.08 26.55
C TYR A 241 -10.05 -7.03 27.01
N HIS A 242 -9.16 -6.55 26.12
CA HIS A 242 -8.17 -5.49 26.47
C HIS A 242 -8.84 -4.13 26.62
N GLU A 243 -8.32 -3.34 27.57
CA GLU A 243 -8.83 -1.98 27.88
C GLU A 243 -8.74 -1.11 26.62
N GLY A 244 -9.69 -0.23 26.43
CA GLY A 244 -9.55 0.82 25.42
C GLY A 244 -10.26 0.49 24.11
N ARG A 245 -10.06 1.35 23.14
CA ARG A 245 -10.74 1.30 21.81
C ARG A 245 -9.62 1.40 20.77
N TYR A 246 -9.71 0.57 19.74
CA TYR A 246 -8.73 0.44 18.65
C TYR A 246 -9.47 0.66 17.35
N THR A 247 -8.69 1.08 16.35
CA THR A 247 -9.08 1.16 14.92
C THR A 247 -8.18 0.21 14.13
N GLY A 248 -8.64 -0.21 12.97
CA GLY A 248 -7.86 -1.07 12.05
C GLY A 248 -7.93 -2.54 12.41
N THR A 249 -8.59 -2.89 13.55
CA THR A 249 -8.57 -4.26 14.13
C THR A 249 -9.30 -5.19 13.17
N GLY A 250 -10.52 -4.81 12.75
CA GLY A 250 -11.27 -5.56 11.74
C GLY A 250 -10.49 -5.73 10.46
N ASP A 251 -9.88 -4.66 9.98
CA ASP A 251 -9.24 -4.65 8.65
C ASP A 251 -8.03 -5.59 8.66
N VAL A 252 -7.24 -5.56 9.71
CA VAL A 252 -6.07 -6.48 9.84
C VAL A 252 -6.62 -7.89 10.07
N PHE A 253 -7.73 -8.03 10.81
CA PHE A 253 -8.30 -9.38 11.08
C PHE A 253 -8.71 -10.02 9.75
N ALA A 254 -9.48 -9.33 8.91
CA ALA A 254 -9.99 -9.93 7.65
C ALA A 254 -8.84 -10.27 6.71
N ALA A 255 -7.84 -9.40 6.60
CA ALA A 255 -6.63 -9.63 5.79
C ALA A 255 -5.87 -10.86 6.29
N SER A 256 -5.66 -10.94 7.60
CA SER A 256 -4.95 -12.08 8.20
C SER A 256 -5.75 -13.35 7.90
N LEU A 257 -7.07 -13.28 8.04
CA LEU A 257 -7.96 -14.46 7.80
C LEU A 257 -7.84 -14.93 6.37
N VAL A 258 -7.83 -14.04 5.39
CA VAL A 258 -7.61 -14.42 3.98
C VAL A 258 -6.24 -15.14 3.88
N ALA A 259 -5.21 -14.59 4.52
CA ALA A 259 -3.83 -15.15 4.47
C ALA A 259 -3.86 -16.58 5.01
N PHE A 260 -4.35 -16.77 6.24
CA PHE A 260 -4.27 -18.07 6.95
C PHE A 260 -5.17 -19.13 6.28
N ALA A 261 -6.37 -18.75 5.90
CA ALA A 261 -7.39 -19.62 5.26
C ALA A 261 -6.96 -20.08 3.87
N HIS A 262 -5.94 -19.47 3.26
CA HIS A 262 -5.34 -19.97 1.99
C HIS A 262 -4.80 -21.39 2.17
N SER A 263 -4.15 -21.71 3.29
CA SER A 263 -3.52 -23.04 3.52
C SER A 263 -4.14 -23.76 4.72
N ASP A 264 -4.87 -23.09 5.60
CA ASP A 264 -5.37 -23.72 6.84
C ASP A 264 -6.88 -23.92 6.74
N PRO A 265 -7.43 -24.93 7.46
CA PRO A 265 -8.87 -25.01 7.64
C PRO A 265 -9.34 -23.74 8.37
N MET A 266 -10.60 -23.36 8.13
CA MET A 266 -11.10 -22.02 8.53
C MET A 266 -10.99 -21.85 10.06
N ASP A 267 -11.21 -22.93 10.84
CA ASP A 267 -11.14 -22.87 12.32
C ASP A 267 -9.73 -22.47 12.75
N LEU A 268 -8.69 -23.11 12.21
CA LEU A 268 -7.27 -22.83 12.57
C LEU A 268 -6.89 -21.44 12.06
N ALA A 269 -7.38 -21.07 10.87
CA ALA A 269 -7.19 -19.72 10.28
C ALA A 269 -7.75 -18.63 11.22
N VAL A 270 -8.96 -18.81 11.74
CA VAL A 270 -9.56 -17.85 12.71
C VAL A 270 -8.62 -17.80 13.93
N GLY A 271 -8.19 -18.95 14.42
CA GLY A 271 -7.32 -19.01 15.60
C GLY A 271 -6.06 -18.18 15.42
N LYS A 272 -5.40 -18.31 14.27
CA LYS A 272 -4.13 -17.62 13.98
C LYS A 272 -4.41 -16.11 13.83
N ALA A 273 -5.47 -15.74 13.13
CA ALA A 273 -5.83 -14.31 12.91
C ALA A 273 -6.10 -13.65 14.28
N MET A 274 -6.84 -14.34 15.15
CA MET A 274 -7.08 -13.87 16.54
C MET A 274 -5.72 -13.65 17.23
N GLY A 275 -4.81 -14.61 17.13
CA GLY A 275 -3.46 -14.48 17.76
C GLY A 275 -2.73 -13.25 17.25
N VAL A 276 -2.76 -13.05 15.94
CA VAL A 276 -2.12 -11.87 15.31
C VAL A 276 -2.65 -10.59 15.94
N LEU A 277 -3.98 -10.45 16.03
CA LEU A 277 -4.61 -9.26 16.60
C LEU A 277 -4.20 -9.11 18.06
N GLN A 278 -4.13 -10.20 18.82
CA GLN A 278 -3.76 -10.10 20.26
C GLN A 278 -2.32 -9.56 20.39
N ASP A 279 -1.37 -9.98 19.55
CA ASP A 279 0.02 -9.45 19.54
C ASP A 279 0.01 -7.96 19.18
N LEU A 280 -0.77 -7.58 18.17
CA LEU A 280 -0.82 -6.17 17.69
C LEU A 280 -1.40 -5.26 18.77
N ILE A 281 -2.47 -5.67 19.47
CA ILE A 281 -3.13 -4.82 20.48
C ILE A 281 -2.19 -4.66 21.67
N LYS A 282 -1.59 -5.75 22.13
CA LYS A 282 -0.55 -5.71 23.19
C LYS A 282 0.64 -4.86 22.71
N ALA A 283 1.10 -4.97 21.47
CA ALA A 283 2.24 -4.18 20.95
C ALA A 283 1.82 -2.71 20.88
N THR A 284 0.53 -2.43 20.64
CA THR A 284 -0.02 -1.05 20.59
C THR A 284 -0.07 -0.53 22.02
N ILE A 285 -0.48 -1.37 22.98
CA ILE A 285 -0.60 -0.97 24.41
C ILE A 285 0.77 -0.60 24.99
N GLU A 286 1.86 -1.29 24.63
CA GLU A 286 3.23 -1.03 25.20
C GLU A 286 3.87 0.20 24.51
N ARG A 287 3.63 0.46 23.23
CA ARG A 287 4.19 1.68 22.54
C ARG A 287 3.54 2.94 23.14
N LEU A 295 -5.70 9.49 19.64
CA LEU A 295 -5.93 8.61 18.45
C LEU A 295 -4.57 8.23 17.84
N SER A 296 -3.69 9.20 17.58
CA SER A 296 -2.39 8.97 16.90
C SER A 296 -1.67 7.78 17.58
N SER A 297 -1.76 7.72 18.92
CA SER A 297 -1.13 6.70 19.81
C SER A 297 -1.87 5.36 19.76
N ARG A 298 -3.22 5.36 19.64
CA ARG A 298 -4.11 4.15 19.58
C ARG A 298 -4.21 3.63 18.14
N GLU A 299 -3.51 4.25 17.18
CA GLU A 299 -3.41 3.65 15.82
C GLU A 299 -2.78 2.25 16.03
N LEU A 300 -3.26 1.22 15.34
CA LEU A 300 -2.57 -0.09 15.30
C LEU A 300 -1.16 0.06 14.70
N ARG A 301 -0.16 -0.44 15.42
CA ARG A 301 1.25 -0.46 14.99
C ARG A 301 1.47 -1.61 13.98
N VAL A 302 0.81 -1.58 12.84
CA VAL A 302 0.69 -2.78 11.96
C VAL A 302 2.07 -3.28 11.51
N THR A 303 3.01 -2.39 11.26
CA THR A 303 4.30 -2.75 10.62
C THR A 303 5.40 -2.96 11.67
N SER A 304 5.12 -2.86 12.96
CA SER A 304 6.16 -2.83 14.02
C SER A 304 6.71 -4.23 14.35
N TYR A 305 5.92 -5.31 14.25
CA TYR A 305 6.35 -6.71 14.54
C TYR A 305 6.00 -7.62 13.37
N PRO A 306 6.69 -7.45 12.21
CA PRO A 306 6.33 -8.19 11.00
C PRO A 306 6.32 -9.71 11.26
N ASP A 307 7.25 -10.18 12.10
CA ASP A 307 7.26 -11.61 12.53
C ASP A 307 5.92 -12.01 13.17
N ARG A 308 5.32 -11.17 14.01
CA ARG A 308 4.08 -11.52 14.77
C ARG A 308 2.86 -11.61 13.82
N LEU A 309 2.91 -10.94 12.66
CA LEU A 309 1.83 -10.99 11.63
C LEU A 309 1.79 -12.36 10.96
N GLN A 310 2.94 -13.02 10.80
CA GLN A 310 3.03 -14.37 10.16
C GLN A 310 2.90 -15.47 11.22
N HIS A 311 3.54 -15.31 12.37
CA HIS A 311 3.69 -16.35 13.41
C HIS A 311 3.31 -15.72 14.74
N PRO A 312 2.01 -15.61 15.07
CA PRO A 312 1.66 -14.94 16.31
C PRO A 312 2.23 -15.70 17.52
N SER A 313 2.52 -14.98 18.61
CA SER A 313 3.06 -15.55 19.87
C SER A 313 2.14 -16.69 20.36
N SER A 314 0.84 -16.61 20.11
CA SER A 314 -0.13 -17.69 20.44
C SER A 314 -1.31 -17.65 19.48
N VAL A 315 -1.99 -18.77 19.35
CA VAL A 315 -3.23 -18.92 18.55
C VAL A 315 -4.37 -19.00 19.56
N ALA A 316 -5.53 -18.38 19.29
CA ALA A 316 -6.75 -18.61 20.08
C ALA A 316 -7.24 -20.03 19.82
N LEU A 317 -7.76 -20.70 20.85
CA LEU A 317 -8.49 -21.98 20.65
C LEU A 317 -9.78 -21.67 19.91
N VAL A 318 -10.06 -22.45 18.88
CA VAL A 318 -11.32 -22.34 18.11
C VAL A 318 -11.95 -23.73 18.15
N THR A 319 -12.96 -23.90 19.00
CA THR A 319 -13.45 -25.24 19.42
C THR A 319 -14.84 -25.45 18.87
N PRO A 320 -15.14 -26.64 18.30
CA PRO A 320 -16.48 -26.93 17.83
C PRO A 320 -17.55 -26.87 18.91
N LEU A 321 -18.74 -26.38 18.57
CA LEU A 321 -19.94 -26.48 19.44
C LEU A 321 -20.72 -27.74 19.10
N PRO A 322 -21.31 -28.42 20.11
CA PRO A 322 -21.96 -29.70 19.84
C PRO A 322 -23.34 -29.58 19.15
N ASP B 24 11.39 9.49 14.16
CA ASP B 24 12.24 9.95 13.01
C ASP B 24 11.92 9.14 11.73
N LYS B 25 11.36 7.95 11.79
CA LYS B 25 11.23 7.06 10.58
C LYS B 25 9.83 7.18 9.97
N HIS B 26 9.51 8.40 9.60
CA HIS B 26 8.18 8.75 9.06
C HIS B 26 8.43 9.53 7.76
N VAL B 27 7.85 9.05 6.66
CA VAL B 27 8.04 9.55 5.28
C VAL B 27 6.67 10.00 4.74
N LEU B 28 6.61 11.18 4.14
CA LEU B 28 5.43 11.57 3.35
C LEU B 28 5.80 11.27 1.90
N SER B 29 5.10 10.36 1.27
CA SER B 29 5.44 9.81 -0.06
C SER B 29 4.34 10.20 -1.06
N ILE B 30 4.71 11.06 -2.01
CA ILE B 30 3.77 11.64 -3.01
C ILE B 30 4.12 11.00 -4.36
N GLN B 31 3.35 10.00 -4.75
CA GLN B 31 3.58 9.12 -5.91
C GLN B 31 2.23 8.54 -6.36
N SER B 32 2.25 7.79 -7.45
CA SER B 32 1.07 7.13 -8.03
C SER B 32 0.61 5.96 -7.16
N HIS B 33 -0.63 5.57 -7.34
CA HIS B 33 -1.20 4.27 -6.90
C HIS B 33 -1.70 3.51 -8.13
N VAL B 34 -1.30 2.25 -8.25
CA VAL B 34 -1.83 1.37 -9.33
C VAL B 34 -2.48 0.17 -8.66
N THR B 35 -3.62 -0.29 -9.19
CA THR B 35 -4.25 -1.53 -8.68
C THR B 35 -3.39 -2.75 -9.04
N HIS B 36 -3.14 -2.96 -10.34
CA HIS B 36 -2.29 -4.05 -10.87
C HIS B 36 -0.82 -3.60 -10.91
N GLY B 37 0.09 -4.46 -10.48
CA GLY B 37 1.54 -4.24 -10.69
C GLY B 37 2.21 -3.40 -9.62
N TYR B 38 3.48 -3.04 -9.88
CA TYR B 38 4.39 -2.45 -8.89
C TYR B 38 5.16 -1.28 -9.48
N VAL B 39 4.56 -0.12 -9.33
CA VAL B 39 5.18 1.20 -9.59
C VAL B 39 4.67 2.15 -8.50
N GLY B 40 5.31 3.31 -8.40
CA GLY B 40 4.92 4.38 -7.48
C GLY B 40 4.82 3.90 -6.05
N ASN B 41 3.77 4.36 -5.36
CA ASN B 41 3.61 4.17 -3.88
C ASN B 41 3.45 2.69 -3.55
N LYS B 42 2.86 1.89 -4.42
CA LYS B 42 2.74 0.44 -4.09
C LYS B 42 4.13 -0.20 -3.94
N ALA B 43 5.03 0.10 -4.89
CA ALA B 43 6.46 -0.31 -4.96
C ALA B 43 7.31 0.29 -3.84
N ALA B 44 7.08 1.53 -3.46
CA ALA B 44 7.93 2.25 -2.50
C ALA B 44 7.53 1.85 -1.08
N THR B 45 6.23 1.58 -0.88
CA THR B 45 5.65 1.49 0.47
C THR B 45 6.17 0.24 1.21
N PHE B 46 6.07 -0.92 0.59
CA PHE B 46 6.41 -2.22 1.21
C PHE B 46 7.87 -2.21 1.67
N PRO B 47 8.85 -1.87 0.81
CA PRO B 47 10.24 -1.75 1.27
C PRO B 47 10.42 -0.81 2.47
N LEU B 48 9.83 0.39 2.41
CA LEU B 48 9.98 1.35 3.52
C LEU B 48 9.38 0.78 4.81
N GLN B 49 8.23 0.13 4.75
CA GLN B 49 7.58 -0.51 5.92
C GLN B 49 8.47 -1.62 6.52
N LEU B 50 9.03 -2.46 5.68
CA LEU B 50 9.98 -3.51 6.12
C LEU B 50 11.17 -2.89 6.84
N HIS B 51 11.61 -1.70 6.45
CA HIS B 51 12.75 -0.99 7.09
C HIS B 51 12.33 -0.27 8.36
N GLY B 52 11.05 -0.36 8.75
CA GLY B 52 10.51 0.23 10.00
C GLY B 52 10.01 1.64 9.82
N PHE B 53 9.70 2.09 8.59
CA PHE B 53 9.19 3.47 8.39
C PHE B 53 7.68 3.43 8.33
N ASP B 54 7.07 4.48 8.88
CA ASP B 54 5.65 4.80 8.63
C ASP B 54 5.64 5.57 7.33
N VAL B 55 4.95 5.04 6.34
CA VAL B 55 4.78 5.67 5.00
C VAL B 55 3.38 6.30 4.98
N ASP B 56 3.34 7.64 4.97
CA ASP B 56 2.12 8.44 4.74
C ASP B 56 2.06 8.74 3.22
N ALA B 57 1.23 8.05 2.46
CA ALA B 57 1.16 8.18 0.98
C ALA B 57 0.08 9.17 0.57
N ILE B 58 0.43 10.14 -0.28
CA ILE B 58 -0.56 10.93 -1.04
C ILE B 58 -0.51 10.36 -2.44
N ASN B 59 -1.62 9.81 -2.92
CA ASN B 59 -1.67 9.11 -4.23
C ASN B 59 -2.07 10.14 -5.31
N THR B 60 -1.11 10.52 -6.15
CA THR B 60 -1.26 11.60 -7.17
C THR B 60 -2.21 11.13 -8.30
N VAL B 61 -2.29 9.82 -8.49
CA VAL B 61 -3.18 9.14 -9.46
C VAL B 61 -3.60 7.83 -8.82
N SER B 62 -4.74 7.30 -9.25
CA SER B 62 -5.27 6.00 -8.80
C SER B 62 -5.71 5.26 -10.06
N LEU B 63 -4.82 4.46 -10.63
CA LEU B 63 -4.98 3.93 -12.00
C LEU B 63 -5.02 2.41 -11.99
N SER B 64 -5.48 1.81 -13.08
CA SER B 64 -5.60 0.34 -13.18
C SER B 64 -4.21 -0.30 -13.15
N ASN B 65 -3.20 0.38 -13.69
CA ASN B 65 -1.87 -0.21 -14.03
C ASN B 65 -0.95 0.91 -14.53
N HIS B 66 0.31 0.61 -14.74
CA HIS B 66 1.33 1.57 -15.22
C HIS B 66 1.11 1.84 -16.72
N SER B 67 1.79 2.86 -17.22
CA SER B 67 1.57 3.44 -18.57
C SER B 67 2.15 2.61 -19.71
N GLY B 68 2.84 1.51 -19.42
CA GLY B 68 3.40 0.53 -20.36
C GLY B 68 2.32 -0.35 -20.99
N TYR B 69 1.15 -0.50 -20.36
CA TYR B 69 0.06 -1.35 -20.90
C TYR B 69 -0.67 -0.61 -22.00
N PRO B 70 -1.27 -1.33 -22.99
CA PRO B 70 -2.05 -0.68 -24.04
C PRO B 70 -3.23 0.13 -23.49
N VAL B 71 -3.80 -0.22 -22.32
CA VAL B 71 -4.92 0.55 -21.72
C VAL B 71 -4.54 0.97 -20.28
N ILE B 72 -4.85 2.18 -19.91
CA ILE B 72 -4.63 2.69 -18.54
C ILE B 72 -5.85 3.53 -18.17
N LYS B 73 -6.51 3.19 -17.09
CA LYS B 73 -7.75 3.86 -16.69
C LYS B 73 -7.66 4.26 -15.23
N GLY B 74 -8.32 5.36 -14.90
CA GLY B 74 -8.64 5.73 -13.51
C GLY B 74 -8.49 7.20 -13.27
N HIS B 75 -8.35 7.54 -12.00
CA HIS B 75 -8.53 8.91 -11.50
C HIS B 75 -7.19 9.63 -11.34
N ARG B 76 -7.16 10.91 -11.69
CA ARG B 76 -5.95 11.77 -11.56
C ARG B 76 -6.27 12.91 -10.62
N MET B 77 -5.42 13.17 -9.61
CA MET B 77 -5.55 14.35 -8.75
C MET B 77 -5.51 15.64 -9.58
N ASP B 78 -6.26 16.67 -9.20
CA ASP B 78 -5.93 18.08 -9.62
C ASP B 78 -5.30 18.78 -8.41
N LEU B 79 -4.86 20.03 -8.56
CA LEU B 79 -4.22 20.79 -7.45
C LEU B 79 -5.17 20.82 -6.24
N GLU B 80 -6.47 21.03 -6.47
CA GLU B 80 -7.50 21.14 -5.41
C GLU B 80 -7.50 19.85 -4.57
N GLU B 81 -7.42 18.67 -5.16
CA GLU B 81 -7.42 17.39 -4.39
C GLU B 81 -6.17 17.31 -3.51
N PHE B 82 -5.05 17.79 -4.02
CA PHE B 82 -3.76 17.76 -3.29
C PHE B 82 -3.83 18.73 -2.09
N THR B 83 -4.34 19.96 -2.29
CA THR B 83 -4.37 20.96 -1.19
C THR B 83 -5.43 20.49 -0.20
N THR B 84 -6.45 19.75 -0.63
CA THR B 84 -7.47 19.20 0.30
C THR B 84 -6.79 18.20 1.25
N ILE B 85 -6.00 17.25 0.73
CA ILE B 85 -5.29 16.29 1.61
C ILE B 85 -4.37 17.07 2.54
N MET B 86 -3.65 18.07 2.03
CA MET B 86 -2.68 18.85 2.81
C MET B 86 -3.43 19.49 3.97
N GLU B 87 -4.64 20.01 3.76
CA GLU B 87 -5.44 20.67 4.84
C GLU B 87 -5.73 19.67 5.96
N GLY B 88 -6.05 18.41 5.63
CA GLY B 88 -6.28 17.36 6.62
C GLY B 88 -5.02 17.09 7.42
N LEU B 89 -3.88 17.05 6.74
CA LEU B 89 -2.59 16.77 7.42
C LEU B 89 -2.22 17.94 8.34
N ARG B 90 -2.40 19.16 7.86
CA ARG B 90 -2.14 20.42 8.62
C ARG B 90 -3.04 20.49 9.86
N ALA B 91 -4.35 20.33 9.69
CA ALA B 91 -5.33 20.56 10.77
C ALA B 91 -5.08 19.56 11.89
N ASN B 92 -4.61 18.35 11.58
CA ASN B 92 -4.40 17.25 12.57
C ASN B 92 -2.97 17.29 13.12
N ASP B 93 -2.17 18.29 12.73
CA ASP B 93 -0.80 18.52 13.24
C ASP B 93 0.09 17.30 12.90
N PHE B 94 -0.03 16.78 11.69
CA PHE B 94 0.79 15.62 11.24
C PHE B 94 2.07 16.09 10.53
N LEU B 95 2.12 17.35 10.08
CA LEU B 95 3.23 17.82 9.19
C LEU B 95 4.59 17.70 9.90
N SER B 96 4.65 17.99 11.20
CA SER B 96 5.94 17.93 11.95
C SER B 96 6.45 16.50 12.03
N ASP B 97 5.64 15.47 11.73
CA ASP B 97 6.02 14.03 11.76
C ASP B 97 7.03 13.70 10.66
N TYR B 98 7.04 14.44 9.56
CA TYR B 98 7.69 13.97 8.31
C TYR B 98 9.16 14.35 8.33
N ALA B 99 9.99 13.42 8.77
CA ALA B 99 11.47 13.55 8.77
C ALA B 99 11.98 13.48 7.32
N TYR B 100 11.17 12.84 6.44
CA TYR B 100 11.51 12.59 5.04
C TYR B 100 10.29 12.91 4.19
N VAL B 101 10.56 13.55 3.06
CA VAL B 101 9.58 13.72 1.95
C VAL B 101 10.17 13.05 0.72
N LEU B 102 9.38 12.18 0.08
CA LEU B 102 9.78 11.43 -1.12
C LEU B 102 8.72 11.69 -2.18
N THR B 103 9.12 12.23 -3.32
CA THR B 103 8.23 12.44 -4.47
C THR B 103 8.70 11.61 -5.65
N GLY B 104 7.71 11.06 -6.37
CA GLY B 104 7.87 10.27 -7.58
C GLY B 104 6.81 10.71 -8.59
N TYR B 105 6.08 9.77 -9.18
CA TYR B 105 5.08 10.05 -10.23
C TYR B 105 4.06 11.06 -9.71
N ILE B 106 4.00 12.18 -10.41
CA ILE B 106 2.98 13.25 -10.21
C ILE B 106 2.37 13.54 -11.57
N ASN B 107 3.19 13.97 -12.53
CA ASN B 107 2.67 14.22 -13.92
C ASN B 107 1.53 15.25 -13.87
N ASN B 108 1.75 16.30 -13.09
CA ASN B 108 0.82 17.43 -12.94
C ASN B 108 1.67 18.63 -12.55
N ARG B 109 1.73 19.61 -13.45
CA ARG B 109 2.58 20.82 -13.29
C ARG B 109 2.24 21.53 -11.97
N ASP B 110 0.96 21.71 -11.67
CA ASP B 110 0.49 22.49 -10.49
C ASP B 110 0.90 21.76 -9.21
N ILE B 111 0.76 20.44 -9.18
CA ILE B 111 1.06 19.67 -7.95
C ILE B 111 2.59 19.63 -7.79
N VAL B 112 3.33 19.40 -8.87
CA VAL B 112 4.82 19.46 -8.79
C VAL B 112 5.23 20.81 -8.20
N ARG B 113 4.68 21.91 -8.69
CA ARG B 113 5.04 23.27 -8.21
C ARG B 113 4.72 23.34 -6.69
N GLN B 114 3.60 22.75 -6.28
CA GLN B 114 3.04 22.87 -4.90
C GLN B 114 3.92 22.09 -3.90
N VAL B 115 4.69 21.11 -4.37
CA VAL B 115 5.59 20.34 -3.46
C VAL B 115 6.55 21.27 -2.72
N ALA B 116 7.12 22.30 -3.37
CA ALA B 116 8.08 23.21 -2.69
C ALA B 116 7.40 23.84 -1.46
N ALA B 117 6.15 24.29 -1.55
CA ALA B 117 5.43 24.92 -0.41
C ALA B 117 5.16 23.84 0.65
N THR B 118 4.78 22.63 0.25
CA THR B 118 4.56 21.49 1.18
C THR B 118 5.83 21.23 2.03
N VAL B 119 6.98 21.07 1.39
CA VAL B 119 8.28 20.80 2.06
C VAL B 119 8.59 21.97 3.01
N ALA B 120 8.47 23.21 2.55
CA ALA B 120 8.80 24.41 3.35
C ALA B 120 7.93 24.43 4.61
N GLU B 121 6.66 24.08 4.47
CA GLU B 121 5.68 24.06 5.58
C GLU B 121 6.04 22.95 6.56
N ILE B 122 6.49 21.81 6.05
CA ILE B 122 7.01 20.72 6.93
C ILE B 122 8.27 21.22 7.67
N ARG B 123 9.22 21.88 6.99
CA ARG B 123 10.45 22.33 7.68
C ARG B 123 10.08 23.26 8.84
N GLU B 124 9.12 24.16 8.62
CA GLU B 124 8.68 25.16 9.63
C GLU B 124 8.02 24.46 10.83
N ALA B 125 7.16 23.45 10.59
CA ALA B 125 6.48 22.68 11.66
C ALA B 125 7.53 21.92 12.49
N ARG B 126 8.56 21.39 11.84
CA ARG B 126 9.58 20.59 12.56
C ARG B 126 10.45 21.50 13.44
N GLN B 127 10.83 22.67 12.93
CA GLN B 127 11.66 23.64 13.71
C GLN B 127 10.85 24.10 14.93
N LYS B 128 9.57 24.46 14.75
CA LYS B 128 8.67 24.86 15.87
C LYS B 128 8.56 23.74 16.91
N GLN B 129 8.77 22.46 16.55
CA GLN B 129 8.73 21.31 17.49
C GLN B 129 10.13 20.88 17.98
N GLY B 130 11.17 21.69 17.76
CA GLY B 130 12.58 21.30 18.04
C GLY B 130 12.99 19.96 17.45
N LYS B 131 12.63 19.72 16.19
CA LYS B 131 13.06 18.49 15.46
C LYS B 131 14.14 18.86 14.46
N LYS B 132 14.99 17.91 14.11
CA LYS B 132 15.99 18.08 13.03
C LYS B 132 15.24 18.31 11.70
N ASP B 133 15.92 19.00 10.81
CA ASP B 133 15.33 19.41 9.51
C ASP B 133 14.96 18.13 8.75
N ALA B 134 13.95 18.25 7.87
CA ALA B 134 13.48 17.16 7.01
C ALA B 134 14.49 16.98 5.88
N VAL B 135 14.45 15.83 5.21
CA VAL B 135 15.23 15.58 3.97
C VAL B 135 14.25 15.27 2.85
N PHE B 136 14.29 16.07 1.79
CA PHE B 136 13.39 15.97 0.62
C PHE B 136 14.16 15.26 -0.50
N PHE B 137 13.70 14.05 -0.79
CA PHE B 137 14.14 13.22 -1.94
C PHE B 137 13.16 13.41 -3.09
N CYS B 138 13.64 13.93 -4.21
CA CYS B 138 12.82 14.20 -5.40
C CYS B 138 13.28 13.27 -6.54
N ASP B 139 12.43 12.33 -6.89
CA ASP B 139 12.56 11.49 -8.11
C ASP B 139 11.74 12.19 -9.18
N PRO B 140 12.38 12.84 -10.18
CA PRO B 140 11.65 13.64 -11.15
C PRO B 140 11.07 12.74 -12.25
N VAL B 141 10.00 12.03 -11.92
CA VAL B 141 9.44 10.97 -12.79
C VAL B 141 8.77 11.58 -14.02
N MET B 142 9.42 11.40 -15.19
CA MET B 142 8.89 12.02 -16.44
C MET B 142 8.89 11.06 -17.63
N GLY B 143 9.79 10.08 -17.64
CA GLY B 143 9.95 9.23 -18.82
C GLY B 143 11.07 8.22 -18.69
N ASP B 144 11.20 7.34 -19.67
CA ASP B 144 12.22 6.28 -19.66
C ASP B 144 12.28 5.69 -21.07
N ASP B 145 13.31 4.89 -21.35
CA ASP B 145 13.56 4.25 -22.67
C ASP B 145 13.40 5.31 -23.77
N GLY B 146 13.86 6.55 -23.52
CA GLY B 146 13.91 7.66 -24.50
C GLY B 146 12.56 8.31 -24.83
N ARG B 147 11.49 7.98 -24.11
CA ARG B 147 10.10 8.51 -24.31
C ARG B 147 9.60 9.20 -23.03
N LEU B 148 9.12 10.41 -23.19
CA LEU B 148 8.40 11.22 -22.17
C LEU B 148 7.02 10.57 -21.99
N TYR B 149 6.62 10.19 -20.78
CA TYR B 149 5.30 9.53 -20.60
C TYR B 149 4.49 10.41 -19.66
N CYS B 150 5.01 11.61 -19.45
CA CYS B 150 4.39 12.67 -18.65
C CYS B 150 4.42 13.89 -19.55
N LYS B 151 3.57 14.88 -19.26
CA LYS B 151 3.35 16.12 -20.06
C LYS B 151 4.58 17.02 -20.10
N GLU B 152 4.65 17.88 -21.12
CA GLU B 152 5.81 18.77 -21.42
C GLU B 152 6.06 19.84 -20.33
N GLU B 153 5.02 20.61 -19.95
CA GLU B 153 5.10 21.69 -18.92
C GLU B 153 5.70 21.13 -17.61
N VAL B 154 5.66 19.82 -17.43
CA VAL B 154 6.09 19.17 -16.14
C VAL B 154 7.62 19.21 -16.05
N VAL B 155 8.31 19.18 -17.19
CA VAL B 155 9.79 19.20 -17.21
C VAL B 155 10.28 20.48 -16.50
N GLU B 156 9.73 21.62 -16.87
CA GLU B 156 10.17 22.91 -16.28
C GLU B 156 9.79 22.94 -14.79
N ALA B 157 8.59 22.49 -14.45
CA ALA B 157 8.14 22.54 -13.04
C ALA B 157 9.16 21.72 -12.23
N TYR B 158 9.71 20.62 -12.76
CA TYR B 158 10.75 19.82 -12.04
C TYR B 158 12.03 20.63 -11.92
N ARG B 159 12.49 21.29 -12.98
CA ARG B 159 13.69 22.14 -12.83
C ARG B 159 13.49 23.10 -11.64
N GLU B 160 12.32 23.72 -11.50
CA GLU B 160 12.04 24.70 -10.42
C GLU B 160 11.96 23.98 -9.06
N LEU B 161 11.34 22.81 -9.02
CA LEU B 161 11.21 22.09 -7.72
C LEU B 161 12.59 21.63 -7.26
N LEU B 162 13.41 21.16 -8.20
CA LEU B 162 14.74 20.58 -7.86
C LEU B 162 15.62 21.61 -7.14
N THR B 163 15.39 22.91 -7.32
CA THR B 163 16.15 23.93 -6.57
C THR B 163 15.89 23.75 -5.08
N HIS B 164 14.81 23.08 -4.69
CA HIS B 164 14.38 22.97 -3.28
C HIS B 164 14.61 21.54 -2.76
N ALA B 165 15.14 20.65 -3.58
CA ALA B 165 15.31 19.21 -3.23
C ALA B 165 16.68 19.03 -2.57
N ASP B 166 16.75 18.16 -1.57
CA ASP B 166 18.03 17.78 -0.92
C ASP B 166 18.73 16.70 -1.74
N VAL B 167 17.96 15.73 -2.25
CA VAL B 167 18.49 14.58 -3.03
C VAL B 167 17.63 14.43 -4.28
N ALA B 168 18.23 14.23 -5.45
CA ALA B 168 17.52 13.90 -6.71
C ALA B 168 18.01 12.56 -7.25
N THR B 169 17.10 11.78 -7.85
CA THR B 169 17.39 10.40 -8.34
C THR B 169 16.86 10.26 -9.76
N PRO B 170 17.25 11.13 -10.71
CA PRO B 170 16.77 10.98 -12.08
C PRO B 170 17.37 9.72 -12.72
N ASN B 171 16.59 9.09 -13.60
CA ASN B 171 17.18 8.15 -14.59
C ASN B 171 17.92 8.99 -15.65
N TYR B 172 18.65 8.35 -16.56
CA TYR B 172 19.56 9.12 -17.46
C TYR B 172 18.73 9.90 -18.47
N PHE B 173 17.58 9.41 -18.87
CA PHE B 173 16.63 10.17 -19.70
C PHE B 173 16.23 11.48 -19.01
N GLU B 174 15.75 11.42 -17.77
CA GLU B 174 15.32 12.61 -16.99
C GLU B 174 16.49 13.56 -16.78
N ALA B 175 17.66 13.03 -16.44
CA ALA B 175 18.85 13.89 -16.22
C ALA B 175 19.14 14.64 -17.53
N SER B 176 18.97 13.95 -18.67
CA SER B 176 19.27 14.50 -20.01
C SER B 176 18.31 15.65 -20.32
N ILE B 177 17.00 15.43 -20.15
CA ILE B 177 16.00 16.44 -20.55
C ILE B 177 16.00 17.61 -19.57
N LEU B 178 16.24 17.39 -18.27
CA LEU B 178 16.36 18.52 -17.32
C LEU B 178 17.57 19.41 -17.65
N SER B 179 18.76 18.81 -17.78
CA SER B 179 20.05 19.55 -17.89
C SER B 179 20.27 20.04 -19.34
N THR B 180 19.62 19.41 -20.31
CA THR B 180 19.84 19.52 -21.78
C THR B 180 21.18 18.88 -22.19
N VAL B 181 21.81 18.07 -21.33
CA VAL B 181 23.06 17.30 -21.66
C VAL B 181 22.65 15.84 -21.96
N GLU B 182 22.97 15.32 -23.16
CA GLU B 182 22.81 13.89 -23.52
C GLU B 182 23.72 13.05 -22.61
N VAL B 183 23.11 12.33 -21.66
CA VAL B 183 23.86 11.41 -20.76
C VAL B 183 24.01 10.07 -21.47
N LYS B 184 25.24 9.83 -21.92
CA LYS B 184 25.70 8.73 -22.79
C LYS B 184 26.88 8.03 -22.12
N ASP B 185 27.47 8.64 -21.10
CA ASP B 185 28.71 8.11 -20.46
C ASP B 185 28.95 8.84 -19.15
N LEU B 186 30.05 8.51 -18.48
CA LEU B 186 30.42 9.06 -17.16
C LEU B 186 30.62 10.56 -17.30
N ALA B 187 31.41 11.03 -18.27
CA ALA B 187 31.71 12.47 -18.47
C ALA B 187 30.40 13.26 -18.58
N SER B 188 29.49 12.77 -19.42
CA SER B 188 28.22 13.47 -19.74
C SER B 188 27.29 13.40 -18.49
N ALA B 189 27.26 12.27 -17.77
CA ALA B 189 26.56 12.15 -16.46
C ALA B 189 27.06 13.26 -15.52
N ILE B 190 28.38 13.45 -15.40
CA ILE B 190 29.00 14.51 -14.54
C ILE B 190 28.51 15.91 -14.99
N GLU B 191 28.47 16.23 -16.29
CA GLU B 191 28.01 17.58 -16.70
C GLU B 191 26.53 17.71 -16.32
N ALA B 192 25.73 16.63 -16.49
CA ALA B 192 24.28 16.66 -16.16
C ALA B 192 24.17 16.90 -14.65
N ALA B 193 24.92 16.15 -13.84
CA ALA B 193 24.89 16.30 -12.37
C ALA B 193 25.35 17.72 -11.96
N ASN B 194 26.36 18.31 -12.62
CA ASN B 194 26.83 19.68 -12.27
C ASN B 194 25.68 20.67 -12.48
N TRP B 195 24.89 20.48 -13.54
CA TRP B 195 23.70 21.33 -13.81
C TRP B 195 22.77 21.28 -12.59
N PHE B 196 22.43 20.08 -12.10
CA PHE B 196 21.58 19.87 -10.92
C PHE B 196 22.13 20.66 -9.72
N HIS B 197 23.43 20.56 -9.47
CA HIS B 197 24.06 21.25 -8.32
C HIS B 197 23.94 22.76 -8.52
N THR B 198 24.24 23.26 -9.72
CA THR B 198 24.11 24.72 -10.03
C THR B 198 22.66 25.16 -9.77
N GLN B 199 21.69 24.33 -10.16
CA GLN B 199 20.22 24.52 -9.98
C GLN B 199 19.89 24.68 -8.48
N GLY B 200 20.68 24.04 -7.60
CA GLY B 200 20.53 24.08 -6.13
C GLY B 200 20.20 22.72 -5.51
N THR B 201 20.39 21.60 -6.21
CA THR B 201 20.24 20.25 -5.61
C THR B 201 21.59 19.77 -5.13
N PRO B 202 21.85 19.63 -3.82
CA PRO B 202 23.18 19.23 -3.35
C PRO B 202 23.64 17.82 -3.72
N THR B 203 22.73 16.83 -3.74
CA THR B 203 23.05 15.39 -3.87
C THR B 203 22.23 14.80 -5.02
N VAL B 204 22.90 14.22 -6.00
CA VAL B 204 22.28 13.73 -7.25
C VAL B 204 22.74 12.30 -7.47
N VAL B 205 21.80 11.40 -7.74
CA VAL B 205 22.18 10.02 -8.16
C VAL B 205 21.65 9.90 -9.58
N ILE B 206 22.52 9.70 -10.56
CA ILE B 206 22.10 9.28 -11.93
C ILE B 206 22.18 7.76 -11.96
N LYS B 207 21.02 7.10 -11.92
CA LYS B 207 20.90 5.73 -11.37
C LYS B 207 21.55 4.71 -12.30
N SER B 208 21.62 5.01 -13.57
CA SER B 208 22.24 4.07 -14.56
C SER B 208 22.46 4.80 -15.90
N PHE B 209 23.47 4.35 -16.64
CA PHE B 209 23.77 4.78 -18.02
C PHE B 209 24.80 3.82 -18.61
N ALA B 210 25.01 3.90 -19.93
CA ALA B 210 25.90 3.04 -20.76
C ALA B 210 27.32 2.90 -20.18
N ASP B 214 31.29 -1.88 -22.67
CA ASP B 214 30.86 -2.99 -21.78
C ASP B 214 29.33 -3.01 -21.75
N PRO B 215 28.67 -3.57 -22.78
CA PRO B 215 27.21 -3.61 -22.84
C PRO B 215 26.57 -4.53 -21.78
N THR B 216 27.39 -5.28 -21.03
CA THR B 216 26.96 -6.27 -20.01
C THR B 216 26.81 -5.61 -18.62
N HIS B 217 27.22 -4.36 -18.47
CA HIS B 217 27.12 -3.64 -17.17
C HIS B 217 26.49 -2.27 -17.39
N LEU B 218 25.82 -1.75 -16.36
CA LEU B 218 25.41 -0.32 -16.29
C LEU B 218 26.31 0.38 -15.28
N ARG B 219 26.61 1.64 -15.51
CA ARG B 219 27.40 2.48 -14.58
C ARG B 219 26.43 3.50 -13.95
N PHE B 220 26.71 3.92 -12.72
CA PHE B 220 25.93 4.97 -12.03
C PHE B 220 26.87 6.03 -11.48
N LEU B 221 26.31 7.21 -11.24
CA LEU B 221 27.04 8.39 -10.69
C LEU B 221 26.35 8.81 -9.40
N LEU B 222 27.11 8.98 -8.33
CA LEU B 222 26.69 9.79 -7.17
C LEU B 222 27.57 11.03 -7.14
N SER B 223 26.93 12.19 -7.10
CA SER B 223 27.57 13.53 -7.09
C SER B 223 27.05 14.30 -5.89
N CYS B 224 27.95 14.76 -5.00
CA CYS B 224 27.59 15.52 -3.78
C CYS B 224 28.33 16.87 -3.76
N ARG B 225 27.59 17.95 -3.90
CA ARG B 225 28.08 19.35 -3.79
C ARG B 225 27.80 19.87 -2.39
N ASP B 226 28.81 20.33 -1.64
CA ASP B 226 28.65 21.16 -0.40
C ASP B 226 28.49 22.63 -0.83
N LYS B 227 27.30 23.21 -0.58
N THR B 229 31.74 25.35 0.91
CA THR B 229 32.71 24.44 0.26
C THR B 229 32.77 24.72 -1.25
N GLY B 230 31.62 24.62 -1.95
CA GLY B 230 31.50 24.69 -3.42
C GLY B 230 32.18 23.52 -4.12
N SER B 231 32.77 22.60 -3.35
CA SER B 231 33.45 21.38 -3.85
C SER B 231 32.39 20.28 -4.08
N THR B 232 32.68 19.38 -5.01
CA THR B 232 31.85 18.22 -5.39
C THR B 232 32.65 16.93 -5.15
N LYS B 233 32.14 16.03 -4.31
CA LYS B 233 32.63 14.62 -4.17
C LYS B 233 31.78 13.77 -5.12
N ARG B 234 32.45 12.95 -5.93
CA ARG B 234 31.81 12.14 -6.97
C ARG B 234 32.20 10.69 -6.76
N TYR B 235 31.28 9.80 -7.05
CA TYR B 235 31.49 8.35 -6.92
C TYR B 235 30.86 7.65 -8.11
N THR B 236 31.45 6.51 -8.45
CA THR B 236 30.88 5.65 -9.51
C THR B 236 30.91 4.21 -9.02
N GLY B 237 30.29 3.38 -9.83
CA GLY B 237 30.23 1.92 -9.67
C GLY B 237 29.48 1.37 -10.84
N VAL B 238 29.28 0.07 -10.84
CA VAL B 238 28.62 -0.68 -11.94
C VAL B 238 27.72 -1.71 -11.28
N VAL B 239 26.76 -2.20 -12.05
CA VAL B 239 25.89 -3.35 -11.73
C VAL B 239 25.78 -4.15 -13.01
N PRO B 240 25.57 -5.48 -12.93
CA PRO B 240 25.25 -6.28 -14.11
C PRO B 240 24.03 -5.73 -14.86
N TYR B 241 24.11 -5.60 -16.19
CA TYR B 241 22.95 -5.24 -17.02
C TYR B 241 22.16 -6.51 -17.30
N HIS B 242 20.87 -6.53 -16.96
CA HIS B 242 19.94 -7.63 -17.27
C HIS B 242 19.16 -7.25 -18.53
N GLU B 243 19.14 -8.13 -19.54
CA GLU B 243 18.39 -7.91 -20.80
C GLU B 243 16.90 -7.81 -20.44
N GLY B 244 16.20 -6.86 -21.06
CA GLY B 244 14.79 -6.60 -20.75
C GLY B 244 14.59 -5.21 -20.19
N ARG B 245 13.37 -4.70 -20.35
CA ARG B 245 12.92 -3.39 -19.81
C ARG B 245 12.06 -3.70 -18.57
N TYR B 246 12.39 -3.08 -17.45
CA TYR B 246 11.62 -3.20 -16.19
C TYR B 246 10.92 -1.85 -15.91
N THR B 247 9.87 -1.94 -15.11
CA THR B 247 9.12 -0.78 -14.62
C THR B 247 9.17 -0.87 -13.09
N GLY B 248 9.15 0.27 -12.41
CA GLY B 248 9.13 0.29 -10.94
C GLY B 248 10.51 0.25 -10.31
N THR B 249 11.56 0.08 -11.12
CA THR B 249 12.95 -0.08 -10.64
C THR B 249 13.41 1.22 -9.96
N GLY B 250 13.21 2.36 -10.60
CA GLY B 250 13.49 3.67 -9.99
C GLY B 250 12.73 3.88 -8.70
N ASP B 251 11.45 3.52 -8.69
CA ASP B 251 10.59 3.73 -7.50
C ASP B 251 11.12 2.91 -6.33
N VAL B 252 11.48 1.66 -6.55
CA VAL B 252 12.03 0.83 -5.45
C VAL B 252 13.39 1.40 -5.07
N PHE B 253 14.17 1.85 -6.04
CA PHE B 253 15.53 2.37 -5.76
C PHE B 253 15.44 3.60 -4.82
N ALA B 254 14.63 4.61 -5.16
CA ALA B 254 14.51 5.84 -4.31
C ALA B 254 13.98 5.50 -2.92
N ALA B 255 12.97 4.62 -2.82
CA ALA B 255 12.45 4.17 -1.50
C ALA B 255 13.59 3.51 -0.72
N SER B 256 14.35 2.62 -1.36
CA SER B 256 15.49 1.92 -0.70
C SER B 256 16.51 2.95 -0.24
N LEU B 257 16.82 3.92 -1.09
CA LEU B 257 17.80 4.97 -0.82
C LEU B 257 17.41 5.78 0.42
N VAL B 258 16.14 6.14 0.56
CA VAL B 258 15.66 6.86 1.76
C VAL B 258 15.92 5.96 2.96
N ALA B 259 15.51 4.71 2.87
CA ALA B 259 15.63 3.77 4.02
C ALA B 259 17.10 3.64 4.45
N PHE B 260 18.04 3.38 3.54
CA PHE B 260 19.47 3.15 3.91
C PHE B 260 20.13 4.46 4.34
N ALA B 261 19.83 5.57 3.67
CA ALA B 261 20.46 6.87 3.93
C ALA B 261 20.10 7.37 5.34
N HIS B 262 19.02 6.88 5.92
CA HIS B 262 18.60 7.21 7.32
C HIS B 262 19.70 6.78 8.29
N SER B 263 20.43 5.70 8.00
CA SER B 263 21.49 5.21 8.92
C SER B 263 22.75 4.74 8.17
N ASP B 264 23.01 5.24 6.97
CA ASP B 264 24.27 5.07 6.19
C ASP B 264 24.69 6.39 5.56
N PRO B 265 26.01 6.62 5.33
CA PRO B 265 26.43 7.72 4.47
C PRO B 265 25.87 7.43 3.08
N MET B 266 25.72 8.44 2.26
CA MET B 266 24.94 8.31 1.00
C MET B 266 25.62 7.32 0.07
N ASP B 267 26.97 7.27 0.02
CA ASP B 267 27.65 6.34 -0.90
C ASP B 267 27.24 4.91 -0.55
N LEU B 268 27.31 4.53 0.74
CA LEU B 268 26.90 3.17 1.17
C LEU B 268 25.41 2.97 0.87
N ALA B 269 24.57 3.96 1.12
CA ALA B 269 23.11 3.85 0.90
C ALA B 269 22.85 3.54 -0.58
N VAL B 270 23.54 4.25 -1.49
CA VAL B 270 23.46 3.96 -2.96
C VAL B 270 23.86 2.51 -3.22
N GLY B 271 25.03 2.06 -2.73
CA GLY B 271 25.48 0.69 -2.97
C GLY B 271 24.45 -0.35 -2.52
N LYS B 272 23.83 -0.14 -1.36
CA LYS B 272 22.85 -1.09 -0.78
C LYS B 272 21.58 -1.05 -1.62
N ALA B 273 21.14 0.16 -2.01
CA ALA B 273 19.94 0.27 -2.88
C ALA B 273 20.18 -0.41 -4.24
N MET B 274 21.39 -0.30 -4.79
CA MET B 274 21.76 -1.00 -6.06
C MET B 274 21.68 -2.53 -5.82
N GLY B 275 22.14 -3.01 -4.68
CA GLY B 275 22.06 -4.44 -4.30
C GLY B 275 20.63 -4.93 -4.20
N VAL B 276 19.78 -4.17 -3.52
CA VAL B 276 18.32 -4.47 -3.47
C VAL B 276 17.78 -4.61 -4.89
N LEU B 277 18.13 -3.71 -5.82
CA LEU B 277 17.53 -3.77 -7.18
C LEU B 277 18.03 -5.03 -7.86
N GLN B 278 19.29 -5.38 -7.66
CA GLN B 278 19.86 -6.58 -8.32
C GLN B 278 19.07 -7.82 -7.88
N ASP B 279 18.82 -7.99 -6.59
CA ASP B 279 18.06 -9.13 -6.04
C ASP B 279 16.65 -9.15 -6.62
N LEU B 280 15.97 -8.00 -6.65
CA LEU B 280 14.59 -7.89 -7.17
C LEU B 280 14.57 -8.18 -8.69
N ILE B 281 15.48 -7.66 -9.49
CA ILE B 281 15.45 -7.92 -10.96
C ILE B 281 15.70 -9.42 -11.19
N LYS B 282 16.63 -10.01 -10.45
CA LYS B 282 16.95 -11.47 -10.58
C LYS B 282 15.74 -12.32 -10.18
N ALA B 283 15.05 -12.02 -9.07
CA ALA B 283 13.82 -12.72 -8.63
C ALA B 283 12.74 -12.61 -9.73
N THR B 284 12.62 -11.45 -10.35
CA THR B 284 11.64 -11.20 -11.43
C THR B 284 11.96 -12.09 -12.62
N ILE B 285 13.23 -12.14 -13.05
CA ILE B 285 13.65 -13.02 -14.18
C ILE B 285 13.41 -14.49 -13.80
N GLU B 286 13.78 -14.90 -12.59
CA GLU B 286 13.61 -16.30 -12.10
C GLU B 286 12.14 -16.73 -12.14
N ARG B 287 11.22 -15.92 -11.64
CA ARG B 287 9.75 -16.16 -11.69
C ARG B 287 9.24 -16.04 -13.15
N GLY B 288 10.13 -15.77 -14.12
CA GLY B 288 9.89 -15.90 -15.57
C GLY B 288 9.73 -14.57 -16.30
N GLY B 289 10.07 -13.43 -15.67
CA GLY B 289 10.05 -12.07 -16.27
C GLY B 289 11.34 -11.75 -17.05
N SER B 290 11.71 -12.57 -18.03
CA SER B 290 12.87 -12.36 -18.94
C SER B 290 12.58 -11.19 -19.88
N GLY B 291 13.51 -10.88 -20.79
CA GLY B 291 13.37 -9.87 -21.86
C GLY B 291 12.11 -10.08 -22.71
N LYS B 292 11.82 -11.32 -23.12
CA LYS B 292 10.77 -11.69 -24.11
C LYS B 292 9.40 -11.98 -23.45
N ALA B 293 9.24 -11.83 -22.12
CA ALA B 293 7.97 -12.16 -21.43
C ALA B 293 6.98 -10.99 -21.54
N THR B 294 5.73 -11.20 -21.12
CA THR B 294 4.67 -10.17 -21.06
C THR B 294 5.01 -9.06 -20.05
N LEU B 295 4.28 -7.94 -20.11
CA LEU B 295 4.44 -6.81 -19.16
C LEU B 295 4.09 -7.32 -17.75
N SER B 296 3.04 -8.14 -17.61
CA SER B 296 2.62 -8.71 -16.30
C SER B 296 3.76 -9.55 -15.75
N SER B 297 4.33 -10.43 -16.57
CA SER B 297 5.52 -11.26 -16.24
C SER B 297 6.66 -10.39 -15.73
N ARG B 298 6.87 -9.23 -16.36
CA ARG B 298 8.04 -8.36 -16.09
C ARG B 298 7.77 -7.40 -14.92
N GLU B 299 6.55 -7.33 -14.39
CA GLU B 299 6.29 -6.51 -13.18
C GLU B 299 7.29 -6.93 -12.10
N LEU B 300 7.93 -6.00 -11.39
CA LEU B 300 8.89 -6.37 -10.33
C LEU B 300 8.23 -7.25 -9.29
N ARG B 301 8.91 -8.33 -8.88
CA ARG B 301 8.43 -9.23 -7.80
C ARG B 301 8.75 -8.61 -6.45
N VAL B 302 8.10 -7.51 -6.09
CA VAL B 302 8.50 -6.66 -4.93
C VAL B 302 8.32 -7.44 -3.63
N THR B 303 7.33 -8.35 -3.56
CA THR B 303 6.91 -9.09 -2.32
C THR B 303 7.58 -10.48 -2.23
N SER B 304 8.42 -10.89 -3.17
CA SER B 304 8.88 -12.32 -3.22
C SER B 304 9.92 -12.58 -2.13
N TYR B 305 10.82 -11.61 -1.87
CA TYR B 305 11.97 -11.85 -0.96
C TYR B 305 12.11 -10.69 -0.01
N PRO B 306 11.19 -10.55 0.96
CA PRO B 306 11.20 -9.39 1.84
C PRO B 306 12.52 -9.18 2.58
N ASP B 307 13.19 -10.27 3.00
CA ASP B 307 14.48 -10.16 3.74
C ASP B 307 15.52 -9.46 2.85
N ARG B 308 15.46 -9.72 1.54
CA ARG B 308 16.44 -9.22 0.55
C ARG B 308 16.15 -7.74 0.23
N LEU B 309 14.98 -7.23 0.62
CA LEU B 309 14.68 -5.77 0.53
C LEU B 309 15.45 -5.04 1.64
N GLN B 310 15.61 -5.63 2.83
CA GLN B 310 16.36 -5.00 3.95
C GLN B 310 17.84 -5.38 3.86
N HIS B 311 18.16 -6.58 3.42
CA HIS B 311 19.53 -7.14 3.50
C HIS B 311 19.84 -7.77 2.16
N PRO B 312 20.25 -6.99 1.14
CA PRO B 312 20.47 -7.53 -0.18
C PRO B 312 21.64 -8.50 -0.17
N SER B 313 21.64 -9.44 -1.11
CA SER B 313 22.62 -10.56 -1.15
C SER B 313 23.98 -10.03 -1.63
N SER B 314 24.00 -8.85 -2.27
CA SER B 314 25.21 -8.11 -2.68
C SER B 314 24.98 -6.62 -2.41
N VAL B 315 26.07 -5.90 -2.20
CA VAL B 315 26.09 -4.43 -2.04
C VAL B 315 27.08 -3.93 -3.09
N ALA B 316 26.64 -3.11 -4.03
CA ALA B 316 27.48 -2.59 -5.11
C ALA B 316 28.53 -1.66 -4.49
N LEU B 317 29.77 -1.73 -4.99
CA LEU B 317 30.84 -0.83 -4.57
C LEU B 317 30.57 0.55 -5.17
N VAL B 318 30.84 1.57 -4.37
CA VAL B 318 30.61 3.00 -4.72
C VAL B 318 31.94 3.68 -4.45
N THR B 319 32.72 3.91 -5.48
CA THR B 319 34.17 4.24 -5.38
C THR B 319 34.37 5.70 -5.77
N PRO B 320 35.11 6.45 -4.93
CA PRO B 320 35.43 7.85 -5.19
C PRO B 320 36.08 8.05 -6.55
N LEU B 321 35.73 9.15 -7.21
CA LEU B 321 36.42 9.63 -8.42
C LEU B 321 37.42 10.69 -7.98
N PRO B 322 38.52 10.88 -8.75
CA PRO B 322 39.72 11.57 -8.24
C PRO B 322 39.48 13.05 -7.92
PB ADP C . -13.79 -4.08 14.14
O1B ADP C . -14.95 -3.44 14.93
O2B ADP C . -14.14 -4.33 12.67
O3B ADP C . -12.45 -3.54 14.43
PA ADP C . -13.52 -6.16 16.16
O1A ADP C . -13.73 -5.03 17.07
O2A ADP C . -14.24 -7.45 16.33
O3A ADP C . -13.84 -5.62 14.68
O5' ADP C . -11.95 -6.40 16.19
C5' ADP C . -11.38 -7.43 15.33
C4' ADP C . -10.53 -8.35 16.19
O4' ADP C . -9.58 -7.57 16.95
C3' ADP C . -11.28 -9.17 17.22
O3' ADP C . -11.72 -10.43 16.70
C2' ADP C . -10.24 -9.37 18.33
O2' ADP C . -9.33 -10.40 18.01
C1' ADP C . -9.49 -8.05 18.27
N9 ADP C . -9.96 -7.02 19.21
C8 ADP C . -10.51 -5.79 18.96
N7 ADP C . -10.73 -5.10 20.07
C5 ADP C . -10.21 -5.88 21.08
C6 ADP C . -10.10 -5.68 22.47
N6 ADP C . -10.46 -4.58 23.10
N1 ADP C . -9.49 -6.65 23.19
C2 ADP C . -9.08 -7.75 22.55
N3 ADP C . -9.17 -8.05 21.26
C4 ADP C . -9.75 -7.06 20.56
C8 GT0 D . -11.83 2.19 7.35
N1 GT0 D . -11.58 3.21 6.52
C7 GT0 D . -11.88 4.47 6.87
C4 GT0 D . -12.43 4.72 8.16
C6 GT0 D . -12.69 3.68 9.02
C2 GT0 D . -12.37 2.37 8.62
C1 GT0 D . -13.29 3.95 10.38
O3 GT0 D . -12.60 4.96 11.10
C3 GT0 D . -11.92 4.45 12.26
C5 GT0 D . -12.66 1.19 9.51
O2 GT0 D . -11.78 1.12 10.62
C9 GT0 D . -11.63 5.58 5.91
O1 GT0 D . -12.67 6.00 8.60
CA CA E . -14.99 -3.02 17.18
CA CA F . -12.90 0.25 16.75
CA CA G . -14.57 -2.78 11.08
CL CL H . -21.80 -16.16 25.58
P PO4 I . -15.03 -3.58 20.84
O1 PO4 I . -16.47 -4.05 21.13
O2 PO4 I . -14.50 -2.85 22.08
O3 PO4 I . -15.00 -2.58 19.61
O4 PO4 I . -14.12 -4.80 20.64
PB ADP J . 14.03 4.09 -13.76
O1B ADP J . 13.52 5.24 -12.98
O2B ADP J . 13.42 2.70 -13.44
O3B ADP J . 14.06 4.46 -15.23
PA ADP J . 16.79 3.04 -13.66
O1A ADP J . 18.10 3.74 -13.49
O2A ADP J . 16.47 2.54 -15.00
O3A ADP J . 15.58 3.97 -13.18
O5' ADP J . 16.67 1.82 -12.64
C5' ADP J . 16.93 2.03 -11.26
C4' ADP J . 17.92 1.00 -10.82
O4' ADP J . 17.40 -0.29 -11.16
C3' ADP J . 19.29 1.07 -11.50
O3' ADP J . 20.17 1.90 -10.76
C2' ADP J . 19.76 -0.38 -11.45
O2' ADP J . 20.29 -0.69 -10.19
C1' ADP J . 18.44 -1.14 -11.62
N9 ADP J . 18.13 -1.53 -12.98
C8 ADP J . 17.09 -1.13 -13.77
N7 ADP J . 17.05 -1.74 -14.93
C5 ADP J . 18.11 -2.64 -14.88
C6 ADP J . 18.58 -3.60 -15.79
N6 ADP J . 18.02 -3.83 -16.97
N1 ADP J . 19.66 -4.35 -15.42
C2 ADP J . 20.24 -4.08 -14.23
N3 ADP J . 19.87 -3.21 -13.29
C4 ADP J . 18.80 -2.50 -13.69
C8 GT0 K . 4.99 5.35 -11.90
N1 GT0 K . 3.64 5.47 -11.82
C7 GT0 K . 2.90 5.32 -12.92
C4 GT0 K . 3.52 5.10 -14.18
C6 GT0 K . 4.90 4.94 -14.25
C2 GT0 K . 5.69 5.06 -13.08
C1 GT0 K . 5.54 4.69 -15.58
O3 GT0 K . 5.06 3.47 -16.10
C3 GT0 K . 5.84 3.01 -17.21
C5 GT0 K . 7.22 5.03 -13.11
O2 GT0 K . 8.02 3.96 -13.73
C9 GT0 K . 1.41 5.48 -12.87
O1 GT0 K . 2.73 4.95 -15.30
CA CA L . 11.73 1.16 -17.22
CA CA M . 15.10 3.10 -16.82
CA CA N . 11.62 6.29 -12.95
CA CA O . 18.72 24.14 -2.90
P PO4 P . 17.40 0.82 -18.77
O1 PO4 P . 16.03 1.58 -18.52
O2 PO4 P . 18.01 0.29 -17.46
O3 PO4 P . 17.11 -0.37 -19.68
O4 PO4 P . 18.43 1.76 -19.46
#